data_5VF2
#
_entry.id   5VF2
#
_cell.length_a   81.093
_cell.length_b   81.093
_cell.length_c   74.388
_cell.angle_alpha   90.00
_cell.angle_beta   90.00
_cell.angle_gamma   120.00
#
_symmetry.space_group_name_H-M   'P 31 2 1'
#
loop_
_entity.id
_entity.type
_entity.pdbx_description
1 polymer 'scFv 2D10'
2 branched alpha-D-glucopyranose-(1-1)-alpha-D-glucopyranose
3 non-polymer '2-(N-MORPHOLINO)-ETHANESULFONIC ACID'
4 non-polymer 'UNKNOWN ATOM OR ION'
5 non-polymer 'MAGNESIUM ION'
6 water water
#
_entity_poly.entity_id   1
_entity_poly.type   'polypeptide(L)'
_entity_poly.pdbx_seq_one_letter_code
;MEIQLQQSGPELVKPGASVKISCKASGYSFTDYIMLWVKQSHGKSLEWIGNINPYYGSTSYNLKFKGKATLTVDKSSSTA
YMQLNSLTSEDSAVYYCARKNYYGSSLDYWGQGTTLTVSSAKTTGGGGSGGGGSGGGGSDVVMTQTPFSLPVSLGDQASI
SCRSSQSLVHSNGNTYLHWYLQKPGQSPKLLIYKVSNRFSGVPDRFSGSGSGTDFTLKISRVEAEDLGVYFCSQSTHVPY
TFGGGTKLEIK
;
_entity_poly.pdbx_strand_id   A
#
loop_
_chem_comp.id
_chem_comp.type
_chem_comp.name
_chem_comp.formula
GLC D-saccharide, alpha linking alpha-D-glucopyranose 'C6 H12 O6'
MES non-polymer '2-(N-MORPHOLINO)-ETHANESULFONIC ACID' 'C6 H13 N O4 S'
MG non-polymer 'MAGNESIUM ION' 'Mg 2'
UNX non-polymer 'UNKNOWN ATOM OR ION' ?
#
# COMPACT_ATOMS: atom_id res chain seq x y z
N MET A 1 17.05 -1.78 -7.08
CA MET A 1 17.49 -0.35 -7.36
C MET A 1 18.36 0.19 -6.20
N GLU A 2 18.49 1.51 -6.00
CA GLU A 2 19.12 2.08 -4.81
CA GLU A 2 19.16 2.02 -4.80
C GLU A 2 18.47 1.40 -3.55
N ILE A 3 17.21 1.71 -3.33
CA ILE A 3 16.51 1.20 -2.13
C ILE A 3 15.76 -0.08 -2.49
N GLN A 4 15.87 -1.11 -1.65
CA GLN A 4 15.10 -2.34 -1.88
CA GLN A 4 15.21 -2.42 -1.86
C GLN A 4 14.57 -2.90 -0.58
N LEU A 5 13.33 -3.41 -0.65
CA LEU A 5 12.72 -4.19 0.44
CA LEU A 5 12.71 -4.17 0.44
C LEU A 5 12.52 -5.60 -0.10
N GLN A 6 13.28 -6.56 0.49
CA GLN A 6 13.25 -7.91 0.02
C GLN A 6 12.53 -8.78 1.01
N GLN A 7 11.35 -9.24 0.62
CA GLN A 7 10.57 -10.12 1.45
C GLN A 7 10.88 -11.59 1.23
N SER A 8 10.55 -12.34 2.28
CA SER A 8 10.74 -13.80 2.23
C SER A 8 9.79 -14.43 1.21
N GLY A 9 10.06 -15.67 0.88
CA GLY A 9 9.40 -16.37 -0.20
C GLY A 9 8.00 -16.81 0.13
N PRO A 10 7.29 -17.38 -0.85
CA PRO A 10 5.93 -17.82 -0.60
C PRO A 10 5.87 -18.87 0.51
N GLU A 11 4.78 -18.86 1.28
CA GLU A 11 4.59 -19.72 2.47
C GLU A 11 3.33 -20.55 2.25
N LEU A 12 3.45 -21.86 2.47
CA LEU A 12 2.32 -22.79 2.45
C LEU A 12 2.29 -23.32 3.88
N VAL A 13 1.26 -22.97 4.63
CA VAL A 13 1.26 -23.20 6.09
C VAL A 13 -0.06 -23.88 6.49
N LYS A 14 -0.01 -24.77 7.47
CA LYS A 14 -1.19 -25.47 7.93
C LYS A 14 -2.09 -24.57 8.76
N PRO A 15 -3.43 -24.79 8.71
CA PRO A 15 -4.33 -24.03 9.62
C PRO A 15 -3.94 -24.24 11.10
N GLY A 16 -4.02 -23.18 11.88
CA GLY A 16 -3.65 -23.18 13.27
C GLY A 16 -2.23 -22.77 13.55
N ALA A 17 -1.40 -22.87 12.54
CA ALA A 17 0.02 -22.58 12.77
C ALA A 17 0.24 -21.08 12.76
N SER A 18 1.46 -20.69 13.08
CA SER A 18 1.87 -19.29 12.94
C SER A 18 2.82 -19.18 11.76
N VAL A 19 3.01 -17.96 11.24
CA VAL A 19 4.02 -17.72 10.20
C VAL A 19 4.70 -16.42 10.50
N LYS A 20 6.00 -16.33 10.20
CA LYS A 20 6.72 -15.07 10.41
C LYS A 20 7.38 -14.68 9.09
N ILE A 21 6.92 -13.61 8.48
CA ILE A 21 7.35 -13.16 7.18
C ILE A 21 8.38 -12.06 7.43
N SER A 22 9.46 -12.05 6.64
CA SER A 22 10.54 -11.07 6.80
C SER A 22 10.55 -10.06 5.64
N CYS A 23 11.18 -8.93 5.90
N CYS A 23 11.07 -8.88 5.92
CA CYS A 23 11.29 -7.82 4.97
CA CYS A 23 11.37 -7.90 4.91
C CYS A 23 12.67 -7.15 5.23
C CYS A 23 12.70 -7.25 5.27
N LYS A 24 13.67 -7.48 4.40
CA LYS A 24 15.04 -6.99 4.58
C LYS A 24 15.20 -5.69 3.81
N ALA A 25 15.57 -4.66 4.53
CA ALA A 25 15.78 -3.35 3.92
C ALA A 25 17.20 -3.12 3.48
N SER A 26 17.40 -2.69 2.25
N SER A 26 17.37 -2.67 2.24
CA SER A 26 18.73 -2.26 1.85
CA SER A 26 18.67 -2.30 1.73
C SER A 26 18.67 -0.93 1.15
C SER A 26 18.62 -0.89 1.18
N GLY A 27 19.77 -0.21 1.21
CA GLY A 27 19.89 1.07 0.56
C GLY A 27 19.45 2.32 1.30
N TYR A 28 18.93 2.16 2.48
CA TYR A 28 18.60 3.28 3.35
C TYR A 28 18.83 2.91 4.79
N SER A 29 18.88 3.95 5.63
CA SER A 29 19.07 3.77 7.04
C SER A 29 17.77 3.26 7.66
N PHE A 30 17.79 1.97 8.02
CA PHE A 30 16.60 1.25 8.47
C PHE A 30 15.86 1.92 9.65
N THR A 31 16.64 2.41 10.60
CA THR A 31 16.01 2.99 11.78
C THR A 31 15.45 4.37 11.60
N ASP A 32 15.66 4.95 10.42
CA ASP A 32 15.18 6.31 10.17
C ASP A 32 13.81 6.42 9.54
N TYR A 33 13.13 5.29 9.29
CA TYR A 33 11.84 5.29 8.64
C TYR A 33 10.92 4.25 9.27
N ILE A 34 9.69 4.63 9.47
CA ILE A 34 8.58 3.69 9.81
C ILE A 34 8.47 2.63 8.73
N MET A 35 8.25 1.38 9.15
CA MET A 35 7.89 0.30 8.23
C MET A 35 6.43 -0.08 8.47
N LEU A 36 5.66 -0.15 7.40
CA LEU A 36 4.21 -0.38 7.44
C LEU A 36 3.97 -1.72 6.75
N TRP A 37 2.98 -2.48 7.20
CA TRP A 37 2.60 -3.70 6.51
C TRP A 37 1.16 -3.59 6.02
N VAL A 38 0.89 -4.24 4.90
CA VAL A 38 -0.36 -4.17 4.17
C VAL A 38 -0.80 -5.59 3.76
N LYS A 39 -2.09 -5.90 3.91
CA LYS A 39 -2.68 -7.13 3.38
C LYS A 39 -3.44 -6.85 2.10
N GLN A 40 -3.29 -7.72 1.11
CA GLN A 40 -4.07 -7.68 -0.09
C GLN A 40 -4.66 -9.04 -0.38
N SER A 41 -5.95 -9.15 -0.10
CA SER A 41 -6.69 -10.36 -0.38
C SER A 41 -6.90 -10.50 -1.90
N HIS A 42 -7.01 -11.72 -2.41
CA HIS A 42 -7.08 -11.91 -3.88
C HIS A 42 -8.06 -10.94 -4.59
N GLY A 43 -7.45 -9.96 -5.31
N GLY A 43 -7.61 -10.16 -5.58
CA GLY A 43 -8.15 -8.88 -6.05
CA GLY A 43 -8.54 -9.27 -6.30
C GLY A 43 -7.53 -7.47 -6.04
C GLY A 43 -9.28 -8.26 -5.40
N LYS A 44 -8.40 -6.46 -5.82
N LYS A 44 -8.73 -7.98 -4.22
CA LYS A 44 -8.04 -5.04 -5.70
CA LYS A 44 -9.36 -7.07 -3.29
C LYS A 44 -8.47 -4.48 -4.34
C LYS A 44 -8.48 -5.85 -3.17
N SER A 45 -7.64 -4.69 -3.34
N SER A 45 -8.85 -5.01 -2.21
CA SER A 45 -8.00 -4.29 -1.98
CA SER A 45 -8.11 -3.83 -1.98
C SER A 45 -6.82 -4.21 -1.04
C SER A 45 -7.07 -4.08 -0.91
N LEU A 46 -6.32 -3.03 -0.70
CA LEU A 46 -5.24 -2.94 0.24
C LEU A 46 -5.76 -2.60 1.65
N GLU A 47 -5.24 -3.26 2.66
CA GLU A 47 -5.65 -2.99 4.04
C GLU A 47 -4.42 -2.74 4.87
N TRP A 48 -4.37 -1.66 5.62
CA TRP A 48 -3.32 -1.43 6.59
C TRP A 48 -3.34 -2.42 7.75
N ILE A 49 -2.21 -3.04 8.04
CA ILE A 49 -2.05 -3.96 9.18
C ILE A 49 -1.54 -3.20 10.39
N GLY A 50 -0.42 -2.53 10.23
CA GLY A 50 0.19 -1.80 11.35
C GLY A 50 1.54 -1.21 10.88
N ASN A 51 2.10 -0.41 11.79
CA ASN A 51 3.37 0.30 11.62
C ASN A 51 4.29 -0.16 12.74
N ILE A 52 5.58 -0.13 12.45
CA ILE A 52 6.62 -0.24 13.47
C ILE A 52 7.66 0.84 13.23
N ASN A 53 8.10 1.46 14.34
CA ASN A 53 9.21 2.40 14.29
C ASN A 53 10.44 1.59 14.66
N PRO A 54 11.31 1.29 13.66
CA PRO A 54 12.43 0.40 14.01
C PRO A 54 13.38 0.92 15.05
N TYR A 55 13.46 2.24 15.23
CA TYR A 55 14.41 2.80 16.15
C TYR A 55 14.03 2.41 17.58
N TYR A 56 12.73 2.43 17.87
CA TYR A 56 12.23 2.14 19.23
C TYR A 56 11.63 0.76 19.36
N GLY A 57 11.19 0.17 18.27
CA GLY A 57 10.38 -1.04 18.29
C GLY A 57 8.91 -0.82 18.63
N SER A 58 8.48 0.44 18.64
CA SER A 58 7.13 0.84 19.00
C SER A 58 6.18 0.58 17.80
N THR A 59 4.93 0.22 18.10
CA THR A 59 4.01 -0.28 17.10
C THR A 59 2.64 0.40 17.17
N SER A 60 1.95 0.42 16.04
CA SER A 60 0.54 0.80 16.05
C SER A 60 -0.17 -0.16 15.10
N TYR A 61 -1.36 -0.59 15.47
CA TYR A 61 -2.07 -1.55 14.67
C TYR A 61 -3.43 -1.04 14.21
N ASN A 62 -3.86 -1.51 13.06
CA ASN A 62 -5.24 -1.42 12.68
C ASN A 62 -6.00 -2.33 13.64
N LEU A 63 -7.08 -1.81 14.21
CA LEU A 63 -7.84 -2.61 15.16
C LEU A 63 -8.19 -4.00 14.63
N LYS A 64 -8.52 -4.12 13.35
CA LYS A 64 -8.85 -5.39 12.70
C LYS A 64 -7.79 -6.49 12.87
N PHE A 65 -6.53 -6.09 12.97
CA PHE A 65 -5.40 -7.00 13.03
C PHE A 65 -4.80 -7.10 14.43
N LYS A 66 -5.24 -6.28 15.35
CA LYS A 66 -4.68 -6.31 16.70
CA LYS A 66 -4.71 -6.30 16.71
C LYS A 66 -5.15 -7.61 17.35
N GLY A 67 -4.19 -8.41 17.81
CA GLY A 67 -4.44 -9.73 18.37
C GLY A 67 -4.03 -10.86 17.42
N LYS A 68 -3.92 -10.54 16.14
CA LYS A 68 -3.56 -11.44 15.04
C LYS A 68 -2.11 -11.30 14.54
N ALA A 69 -1.69 -10.06 14.31
CA ALA A 69 -0.40 -9.71 13.70
C ALA A 69 0.51 -9.14 14.76
N THR A 70 1.78 -9.54 14.75
CA THR A 70 2.80 -8.94 15.62
C THR A 70 3.97 -8.48 14.77
N LEU A 71 4.30 -7.20 14.87
CA LEU A 71 5.46 -6.61 14.16
C LEU A 71 6.64 -6.48 15.09
N THR A 72 7.78 -6.93 14.57
CA THR A 72 9.07 -6.76 15.27
C THR A 72 10.09 -6.33 14.22
N VAL A 73 11.28 -5.94 14.71
CA VAL A 73 12.43 -5.71 13.88
C VAL A 73 13.68 -6.35 14.50
N ASP A 74 14.67 -6.60 13.66
CA ASP A 74 16.05 -6.88 14.06
C ASP A 74 16.89 -5.74 13.45
N LYS A 75 17.25 -4.78 14.28
CA LYS A 75 18.06 -3.65 13.81
C LYS A 75 19.41 -4.07 13.27
N SER A 76 20.02 -5.12 13.84
CA SER A 76 21.36 -5.49 13.41
C SER A 76 21.36 -5.99 11.98
N SER A 77 20.24 -6.55 11.51
CA SER A 77 20.17 -7.11 10.17
C SER A 77 19.26 -6.29 9.25
N SER A 78 18.82 -5.14 9.73
CA SER A 78 17.92 -4.25 8.97
C SER A 78 16.71 -4.99 8.42
N THR A 79 16.12 -5.81 9.27
CA THR A 79 14.99 -6.69 8.84
C THR A 79 13.78 -6.45 9.73
N ALA A 80 12.63 -6.28 9.06
CA ALA A 80 11.32 -6.18 9.72
C ALA A 80 10.62 -7.53 9.55
N TYR A 81 9.86 -7.88 10.59
CA TYR A 81 9.11 -9.13 10.61
C TYR A 81 7.65 -8.92 10.95
N MET A 82 6.82 -9.75 10.35
CA MET A 82 5.39 -9.73 10.70
C MET A 82 5.05 -11.17 11.00
N GLN A 83 4.59 -11.45 12.22
CA GLN A 83 4.11 -12.77 12.58
C GLN A 83 2.57 -12.78 12.59
N LEU A 84 1.99 -13.81 12.00
CA LEU A 84 0.52 -13.99 12.02
C LEU A 84 0.22 -15.27 12.72
N ASN A 85 -0.72 -15.25 13.67
CA ASN A 85 -1.00 -16.40 14.52
C ASN A 85 -2.38 -16.98 14.21
N SER A 86 -2.59 -18.23 14.63
CA SER A 86 -3.85 -18.95 14.49
C SER A 86 -4.39 -18.86 13.07
N LEU A 87 -3.57 -19.29 12.11
CA LEU A 87 -3.89 -19.08 10.73
C LEU A 87 -5.07 -19.88 10.23
N THR A 88 -5.90 -19.21 9.41
CA THR A 88 -7.00 -19.85 8.75
C THR A 88 -6.98 -19.48 7.26
N SER A 89 -7.87 -20.11 6.50
CA SER A 89 -8.00 -19.82 5.08
C SER A 89 -8.27 -18.34 4.77
N GLU A 90 -8.84 -17.60 5.72
CA GLU A 90 -9.09 -16.16 5.52
CA GLU A 90 -9.10 -16.16 5.55
C GLU A 90 -7.80 -15.34 5.53
N ASP A 91 -6.71 -15.92 6.04
CA ASP A 91 -5.40 -15.25 6.06
C ASP A 91 -4.64 -15.44 4.75
N SER A 92 -5.13 -16.32 3.88
CA SER A 92 -4.43 -16.52 2.60
C SER A 92 -4.55 -15.21 1.81
N ALA A 93 -3.41 -14.64 1.41
CA ALA A 93 -3.39 -13.27 0.84
C ALA A 93 -1.97 -12.98 0.46
N VAL A 94 -1.75 -11.83 -0.17
CA VAL A 94 -0.42 -11.31 -0.39
C VAL A 94 -0.20 -10.28 0.69
N TYR A 95 0.97 -10.30 1.31
CA TYR A 95 1.33 -9.35 2.33
C TYR A 95 2.51 -8.53 1.87
N TYR A 96 2.43 -7.21 2.01
CA TYR A 96 3.53 -6.30 1.66
C TYR A 96 4.05 -5.58 2.87
N CYS A 97 5.36 -5.37 2.85
CA CYS A 97 5.96 -4.37 3.72
CA CYS A 97 6.02 -4.40 3.71
C CYS A 97 6.25 -3.17 2.84
N ALA A 98 6.20 -1.99 3.46
CA ALA A 98 6.47 -0.74 2.69
C ALA A 98 7.03 0.28 3.64
N ARG A 99 7.97 1.06 3.12
CA ARG A 99 8.58 2.15 3.87
C ARG A 99 7.67 3.37 3.81
N LYS A 100 7.51 3.99 4.99
CA LYS A 100 6.68 5.22 5.08
C LYS A 100 7.59 6.39 5.40
N ASN A 101 7.52 7.43 4.57
CA ASN A 101 8.28 8.62 4.85
C ASN A 101 7.53 9.61 5.76
N TYR A 102 8.24 10.52 6.33
CA TYR A 102 7.72 11.54 7.26
C TYR A 102 7.21 12.73 6.43
N TYR A 103 7.99 13.20 5.46
CA TYR A 103 7.63 14.44 4.74
C TYR A 103 6.31 14.33 3.96
N GLY A 104 6.04 13.14 3.43
CA GLY A 104 4.85 12.88 2.67
C GLY A 104 3.82 12.01 3.36
N SER A 105 4.20 11.38 4.48
CA SER A 105 3.44 10.31 5.09
C SER A 105 2.95 9.28 4.05
N SER A 106 3.82 8.97 3.08
CA SER A 106 3.46 8.17 1.93
C SER A 106 4.39 6.95 1.89
N LEU A 107 3.96 5.96 1.10
CA LEU A 107 4.60 4.65 1.06
C LEU A 107 5.48 4.61 -0.18
N ASP A 108 6.75 4.97 -0.01
CA ASP A 108 7.58 5.32 -1.18
C ASP A 108 8.32 4.14 -1.82
N TYR A 109 8.58 3.11 -1.00
CA TYR A 109 9.28 1.90 -1.47
C TYR A 109 8.55 0.70 -0.87
N TRP A 110 8.23 -0.25 -1.71
CA TRP A 110 7.45 -1.44 -1.33
C TRP A 110 8.27 -2.69 -1.58
N GLY A 111 8.05 -3.64 -0.69
CA GLY A 111 8.51 -5.01 -0.90
C GLY A 111 7.81 -5.64 -2.08
N GLN A 112 8.29 -6.81 -2.52
CA GLN A 112 7.73 -7.48 -3.71
C GLN A 112 6.47 -8.28 -3.37
N GLY A 113 6.23 -8.42 -2.06
CA GLY A 113 5.09 -9.17 -1.55
C GLY A 113 5.45 -10.59 -1.25
N THR A 114 4.73 -11.15 -0.27
CA THR A 114 4.82 -12.54 0.09
C THR A 114 3.42 -13.16 0.03
N THR A 115 3.28 -14.23 -0.73
CA THR A 115 2.00 -14.92 -0.84
C THR A 115 1.95 -15.95 0.27
N LEU A 116 0.88 -15.89 1.08
CA LEU A 116 0.62 -16.88 2.11
C LEU A 116 -0.56 -17.72 1.69
N THR A 117 -0.37 -19.03 1.72
CA THR A 117 -1.47 -19.96 1.46
C THR A 117 -1.63 -20.85 2.67
N VAL A 118 -2.81 -20.79 3.30
CA VAL A 118 -3.12 -21.58 4.46
C VAL A 118 -3.95 -22.76 4.02
N SER A 119 -3.38 -23.95 4.11
CA SER A 119 -4.01 -25.17 3.62
C SER A 119 -3.40 -26.36 4.32
N SER A 120 -4.22 -27.41 4.46
CA SER A 120 -3.77 -28.72 4.94
C SER A 120 -3.09 -29.55 3.84
N ALA A 121 -3.18 -29.12 2.57
CA ALA A 121 -2.66 -29.89 1.43
C ALA A 121 -1.11 -29.88 1.28
N LYS A 122 -0.61 -30.86 0.51
CA LYS A 122 0.85 -31.10 0.30
C LYS A 122 1.65 -30.01 -0.46
N THR A 123 1.13 -29.53 -1.60
CA THR A 123 1.64 -28.33 -2.30
C THR A 123 0.53 -27.28 -2.44
N GLY A 138 -18.08 3.04 12.25
CA GLY A 138 -18.15 4.14 11.29
C GLY A 138 -17.26 5.34 11.62
N SER A 139 -16.22 5.15 12.44
CA SER A 139 -15.31 6.23 12.77
C SER A 139 -14.14 6.27 11.77
N ASP A 140 -13.82 5.13 11.15
CA ASP A 140 -12.72 5.09 10.20
C ASP A 140 -13.12 5.93 8.97
N VAL A 141 -12.13 6.49 8.30
CA VAL A 141 -12.40 7.30 7.14
C VAL A 141 -12.52 6.39 5.94
N VAL A 142 -13.62 6.51 5.23
CA VAL A 142 -13.91 5.68 4.07
C VAL A 142 -13.53 6.42 2.81
N MET A 143 -12.75 5.75 1.95
CA MET A 143 -12.33 6.28 0.68
C MET A 143 -13.08 5.58 -0.43
N THR A 144 -13.90 6.35 -1.16
CA THR A 144 -14.78 5.82 -2.19
C THR A 144 -14.20 6.26 -3.51
N GLN A 145 -13.74 5.30 -4.31
CA GLN A 145 -13.17 5.56 -5.60
C GLN A 145 -14.11 5.24 -6.71
N THR A 146 -14.20 6.12 -7.70
CA THR A 146 -15.04 5.91 -8.85
C THR A 146 -14.31 6.35 -10.11
N PRO A 147 -14.49 5.66 -11.22
CA PRO A 147 -15.25 4.41 -11.33
C PRO A 147 -14.45 3.27 -10.76
N PHE A 148 -15.08 2.13 -10.48
CA PHE A 148 -14.25 0.96 -10.09
C PHE A 148 -13.47 0.37 -11.27
N SER A 149 -13.94 0.65 -12.49
CA SER A 149 -13.34 0.14 -13.70
C SER A 149 -13.37 1.25 -14.73
N LEU A 150 -12.23 1.46 -15.36
CA LEU A 150 -12.11 2.47 -16.41
C LEU A 150 -11.47 1.87 -17.67
N PRO A 151 -12.30 1.27 -18.53
CA PRO A 151 -11.76 0.77 -19.82
C PRO A 151 -11.57 1.95 -20.72
N VAL A 152 -10.46 1.98 -21.44
CA VAL A 152 -10.19 3.10 -22.34
C VAL A 152 -9.62 2.55 -23.63
N SER A 153 -9.51 3.44 -24.60
CA SER A 153 -8.65 3.21 -25.78
C SER A 153 -7.31 3.82 -25.50
N LEU A 154 -6.23 3.17 -25.97
CA LEU A 154 -4.93 3.76 -25.85
C LEU A 154 -4.92 5.16 -26.41
N GLY A 155 -4.29 6.09 -25.69
CA GLY A 155 -4.28 7.48 -26.05
C GLY A 155 -5.34 8.36 -25.43
N ASP A 156 -6.36 7.73 -24.85
CA ASP A 156 -7.41 8.49 -24.19
C ASP A 156 -6.91 9.20 -22.94
N GLN A 157 -7.61 10.26 -22.55
CA GLN A 157 -7.49 10.85 -21.24
C GLN A 157 -8.30 10.01 -20.28
N ALA A 158 -7.83 9.87 -19.05
CA ALA A 158 -8.52 9.12 -18.00
C ALA A 158 -8.59 9.98 -16.76
N SER A 159 -9.73 9.95 -16.08
CA SER A 159 -9.92 10.68 -14.81
CA SER A 159 -9.94 10.68 -14.81
C SER A 159 -10.50 9.71 -13.78
N ILE A 160 -9.90 9.67 -12.60
CA ILE A 160 -10.29 8.78 -11.52
C ILE A 160 -10.58 9.67 -10.32
N SER A 161 -11.71 9.44 -9.67
CA SER A 161 -12.12 10.22 -8.49
C SER A 161 -11.96 9.45 -7.23
N CYS A 162 -11.69 10.16 -6.13
CA CYS A 162 -11.60 9.57 -4.81
C CYS A 162 -12.27 10.53 -3.85
N ARG A 163 -13.26 10.07 -3.10
CA ARG A 163 -14.00 10.96 -2.16
C ARG A 163 -13.80 10.36 -0.78
N SER A 164 -13.51 11.20 0.21
CA SER A 164 -13.29 10.75 1.58
C SER A 164 -14.51 11.11 2.43
N SER A 165 -14.84 10.25 3.41
CA SER A 165 -15.97 10.51 4.31
C SER A 165 -15.77 11.65 5.25
N GLN A 166 -14.53 12.06 5.48
CA GLN A 166 -14.20 13.25 6.28
C GLN A 166 -13.13 14.01 5.55
N SER A 167 -13.03 15.31 5.86
CA SER A 167 -11.91 16.09 5.31
C SER A 167 -10.58 15.47 5.61
N LEU A 168 -9.70 15.52 4.61
CA LEU A 168 -8.33 15.03 4.74
C LEU A 168 -7.31 16.10 5.13
N VAL A 169 -7.76 17.27 5.48
CA VAL A 169 -6.87 18.33 5.95
C VAL A 169 -6.34 17.97 7.32
N HIS A 170 -5.02 17.92 7.46
CA HIS A 170 -4.32 17.59 8.70
C HIS A 170 -4.16 18.84 9.56
N SER A 171 -3.82 18.64 10.85
CA SER A 171 -3.44 19.73 11.73
C SER A 171 -2.46 20.73 11.16
N ASN A 172 -1.48 20.22 10.39
CA ASN A 172 -0.45 21.11 9.82
C ASN A 172 -0.84 21.84 8.56
N GLY A 173 -2.06 21.61 8.09
CA GLY A 173 -2.61 22.28 6.93
C GLY A 173 -2.37 21.53 5.65
N ASN A 174 -1.55 20.48 5.70
CA ASN A 174 -1.32 19.62 4.53
C ASN A 174 -2.44 18.62 4.42
N THR A 175 -2.56 17.99 3.25
CA THR A 175 -3.61 17.03 2.96
C THR A 175 -2.93 15.76 2.50
N TYR A 176 -2.97 14.73 3.34
CA TYR A 176 -2.26 13.48 3.12
C TYR A 176 -3.09 12.51 2.35
N LEU A 177 -3.27 12.84 1.09
CA LEU A 177 -3.99 12.02 0.09
C LEU A 177 -2.99 11.64 -0.99
N HIS A 178 -2.88 10.33 -1.23
CA HIS A 178 -1.86 9.80 -2.15
C HIS A 178 -2.47 8.84 -3.13
N TRP A 179 -1.81 8.67 -4.27
CA TRP A 179 -2.22 7.76 -5.31
C TRP A 179 -1.11 6.75 -5.59
N TYR A 180 -1.50 5.48 -5.69
CA TYR A 180 -0.62 4.35 -6.02
C TYR A 180 -1.11 3.66 -7.27
N LEU A 181 -0.20 3.07 -8.02
CA LEU A 181 -0.53 2.25 -9.21
C LEU A 181 0.07 0.87 -8.94
N GLN A 182 -0.74 -0.16 -9.08
CA GLN A 182 -0.31 -1.54 -9.00
C GLN A 182 -0.53 -2.14 -10.39
N LYS A 183 0.61 -2.33 -11.06
CA LYS A 183 0.60 -2.95 -12.38
C LYS A 183 0.37 -4.43 -12.21
N PRO A 184 -0.16 -5.08 -13.28
CA PRO A 184 -0.48 -6.48 -13.07
C PRO A 184 0.73 -7.33 -12.65
N GLY A 185 0.58 -8.08 -11.57
CA GLY A 185 1.65 -8.90 -11.02
C GLY A 185 2.72 -8.27 -10.14
N GLN A 186 2.62 -6.98 -9.87
CA GLN A 186 3.66 -6.23 -9.18
C GLN A 186 3.09 -5.68 -7.87
N SER A 187 3.96 -5.10 -7.06
CA SER A 187 3.58 -4.39 -5.87
C SER A 187 3.05 -3.01 -6.27
N PRO A 188 2.22 -2.40 -5.42
CA PRO A 188 1.83 -0.99 -5.64
C PRO A 188 3.09 -0.12 -5.67
N LYS A 189 3.02 0.98 -6.39
CA LYS A 189 4.08 2.00 -6.43
CA LYS A 189 4.09 1.98 -6.38
C LYS A 189 3.48 3.36 -6.27
N LEU A 190 4.21 4.23 -5.59
CA LEU A 190 3.73 5.59 -5.35
C LEU A 190 3.77 6.43 -6.60
N LEU A 191 2.65 7.08 -6.91
CA LEU A 191 2.61 8.01 -8.06
C LEU A 191 2.59 9.44 -7.61
N ILE A 192 1.64 9.75 -6.71
CA ILE A 192 1.35 11.11 -6.29
CA ILE A 192 1.46 11.11 -6.28
C ILE A 192 1.25 11.11 -4.78
N TYR A 193 1.89 12.10 -4.16
CA TYR A 193 1.75 12.26 -2.72
C TYR A 193 1.24 13.66 -2.40
N LYS A 194 0.51 13.76 -1.30
CA LYS A 194 -0.02 15.03 -0.84
C LYS A 194 -0.76 15.75 -1.97
N VAL A 195 -1.73 15.02 -2.53
CA VAL A 195 -2.69 15.50 -3.54
C VAL A 195 -2.14 15.66 -4.94
N SER A 196 -1.02 16.38 -5.09
CA SER A 196 -0.60 16.86 -6.35
C SER A 196 0.88 16.71 -6.64
N ASN A 197 1.65 16.15 -5.73
CA ASN A 197 3.13 16.08 -5.91
C ASN A 197 3.49 14.81 -6.57
N ARG A 198 4.09 14.89 -7.77
CA ARG A 198 4.53 13.69 -8.44
C ARG A 198 5.78 13.15 -7.77
N PHE A 199 5.78 11.85 -7.52
CA PHE A 199 6.93 11.16 -6.97
C PHE A 199 8.05 11.03 -8.04
N SER A 200 9.27 10.89 -7.57
CA SER A 200 10.43 10.72 -8.47
C SER A 200 10.16 9.76 -9.57
N GLY A 201 10.37 10.18 -10.82
CA GLY A 201 10.27 9.28 -11.91
C GLY A 201 8.92 9.17 -12.57
N VAL A 202 7.90 9.78 -11.97
CA VAL A 202 6.58 9.73 -12.48
C VAL A 202 6.39 10.78 -13.58
N PRO A 203 5.83 10.36 -14.74
CA PRO A 203 5.77 11.32 -15.85
C PRO A 203 4.74 12.40 -15.67
N ASP A 204 4.91 13.47 -16.39
CA ASP A 204 4.03 14.64 -16.25
C ASP A 204 2.64 14.42 -16.75
N ARG A 205 2.40 13.32 -17.46
CA ARG A 205 1.02 12.99 -17.87
CA ARG A 205 1.03 12.99 -17.88
C ARG A 205 0.09 12.69 -16.72
N PHE A 206 0.65 12.35 -15.56
CA PHE A 206 -0.14 12.18 -14.33
C PHE A 206 -0.27 13.49 -13.60
N SER A 207 -1.49 13.85 -13.21
CA SER A 207 -1.69 15.04 -12.39
C SER A 207 -2.78 14.79 -11.36
N GLY A 208 -2.53 15.23 -10.15
CA GLY A 208 -3.47 15.05 -9.04
C GLY A 208 -4.00 16.39 -8.60
N SER A 209 -5.30 16.40 -8.26
CA SER A 209 -5.93 17.64 -7.80
C SER A 209 -6.97 17.33 -6.77
N GLY A 210 -7.50 18.41 -6.19
CA GLY A 210 -8.65 18.31 -5.26
C GLY A 210 -8.31 18.90 -3.91
N SER A 211 -9.31 18.86 -3.04
CA SER A 211 -9.16 19.43 -1.73
C SER A 211 -10.30 18.92 -0.86
N GLY A 212 -10.01 18.87 0.43
CA GLY A 212 -11.04 18.56 1.42
C GLY A 212 -11.40 17.09 1.40
N THR A 213 -12.51 16.82 0.73
CA THR A 213 -12.99 15.45 0.59
C THR A 213 -13.02 14.92 -0.85
N ASP A 214 -12.68 15.74 -1.84
CA ASP A 214 -12.87 15.35 -3.23
CA ASP A 214 -12.87 15.35 -3.23
C ASP A 214 -11.58 15.52 -4.01
N PHE A 215 -11.10 14.40 -4.59
CA PHE A 215 -9.78 14.37 -5.25
C PHE A 215 -9.89 13.65 -6.58
N THR A 216 -9.00 14.04 -7.50
CA THR A 216 -9.03 13.51 -8.86
C THR A 216 -7.61 13.24 -9.31
N LEU A 217 -7.40 12.08 -9.91
CA LEU A 217 -6.15 11.78 -10.63
C LEU A 217 -6.47 11.78 -12.13
N LYS A 218 -5.72 12.56 -12.89
CA LYS A 218 -5.89 12.62 -14.36
C LYS A 218 -4.65 12.07 -15.05
N ILE A 219 -4.89 11.32 -16.11
CA ILE A 219 -3.82 10.75 -16.96
C ILE A 219 -4.06 11.32 -18.35
N SER A 220 -3.15 12.12 -18.88
CA SER A 220 -3.48 12.88 -20.11
C SER A 220 -3.55 12.09 -21.43
N ARG A 221 -2.79 11.00 -21.52
CA ARG A 221 -2.76 10.20 -22.74
C ARG A 221 -2.32 8.79 -22.33
N VAL A 222 -3.28 7.89 -22.10
CA VAL A 222 -2.94 6.60 -21.52
C VAL A 222 -2.07 5.75 -22.43
N GLU A 223 -1.01 5.19 -21.84
CA GLU A 223 -0.21 4.19 -22.53
C GLU A 223 -0.11 2.91 -21.74
N ALA A 224 0.50 1.90 -22.34
CA ALA A 224 0.46 0.56 -21.74
C ALA A 224 1.09 0.52 -20.35
N GLU A 225 2.15 1.28 -20.16
CA GLU A 225 2.78 1.25 -18.84
C GLU A 225 1.89 1.83 -17.74
N ASP A 226 0.81 2.50 -18.08
CA ASP A 226 -0.12 3.10 -17.11
C ASP A 226 -1.19 2.11 -16.64
N LEU A 227 -1.30 0.97 -17.28
CA LEU A 227 -2.41 0.04 -17.02
C LEU A 227 -2.18 -0.68 -15.70
N GLY A 228 -3.26 -0.91 -14.99
CA GLY A 228 -3.21 -1.59 -13.69
C GLY A 228 -4.33 -1.09 -12.82
N VAL A 229 -4.17 -1.25 -11.52
CA VAL A 229 -5.16 -0.79 -10.56
C VAL A 229 -4.59 0.41 -9.79
N TYR A 230 -5.33 1.50 -9.85
CA TYR A 230 -5.00 2.70 -9.10
C TYR A 230 -5.70 2.67 -7.74
N PHE A 231 -4.99 3.03 -6.68
CA PHE A 231 -5.57 3.16 -5.34
C PHE A 231 -5.30 4.55 -4.80
N CYS A 232 -6.33 5.21 -4.30
CA CYS A 232 -6.07 6.35 -3.43
C CYS A 232 -5.88 5.84 -2.01
N SER A 233 -5.25 6.68 -1.21
CA SER A 233 -5.02 6.38 0.20
C SER A 233 -4.95 7.65 1.01
N GLN A 234 -5.43 7.63 2.26
CA GLN A 234 -5.27 8.77 3.15
C GLN A 234 -4.48 8.35 4.37
N SER A 235 -3.60 9.25 4.79
CA SER A 235 -2.83 9.06 6.05
C SER A 235 -2.93 10.24 6.96
N THR A 236 -3.90 11.10 6.72
CA THR A 236 -4.23 12.17 7.69
C THR A 236 -4.75 11.58 9.00
N HIS A 237 -5.60 10.58 8.88
CA HIS A 237 -6.31 9.99 9.98
C HIS A 237 -5.84 8.60 10.21
N VAL A 238 -5.84 8.16 11.47
CA VAL A 238 -5.55 6.76 11.83
C VAL A 238 -6.90 6.09 12.13
N PRO A 239 -7.19 4.89 11.63
CA PRO A 239 -6.30 4.08 10.77
C PRO A 239 -6.15 4.66 9.39
N TYR A 240 -4.99 4.41 8.78
CA TYR A 240 -4.85 4.75 7.39
C TYR A 240 -5.78 3.88 6.56
N THR A 241 -6.34 4.45 5.49
CA THR A 241 -7.23 3.74 4.65
C THR A 241 -7.01 3.95 3.19
N PHE A 242 -7.53 3.01 2.42
CA PHE A 242 -7.35 2.96 0.96
C PHE A 242 -8.72 2.89 0.28
N GLY A 243 -8.77 3.47 -0.90
CA GLY A 243 -9.94 3.29 -1.79
C GLY A 243 -9.97 1.88 -2.35
N GLY A 244 -11.11 1.52 -2.92
CA GLY A 244 -11.30 0.20 -3.44
C GLY A 244 -10.61 -0.15 -4.72
N GLY A 245 -10.00 0.83 -5.33
CA GLY A 245 -9.29 0.61 -6.57
C GLY A 245 -10.09 0.98 -7.81
N THR A 246 -9.35 1.39 -8.84
CA THR A 246 -9.91 1.64 -10.19
C THR A 246 -9.00 0.88 -11.14
N LYS A 247 -9.56 -0.12 -11.84
CA LYS A 247 -8.84 -0.85 -12.84
C LYS A 247 -8.87 -0.14 -14.17
N LEU A 248 -7.71 0.32 -14.58
CA LEU A 248 -7.52 0.98 -15.90
C LEU A 248 -7.05 -0.08 -16.83
N GLU A 249 -7.82 -0.31 -17.92
CA GLU A 249 -7.52 -1.40 -18.87
C GLU A 249 -7.97 -0.95 -20.25
N ILE A 250 -7.51 -1.68 -21.23
CA ILE A 250 -7.84 -1.38 -22.60
C ILE A 250 -9.10 -2.11 -23.05
N LYS A 251 -9.93 -1.37 -23.81
CA LYS A 251 -11.13 -1.93 -24.37
C LYS A 251 -10.85 -3.04 -25.34
C1 GLC B . 10.66 15.83 13.29
C2 GLC B . 10.39 14.62 14.19
C3 GLC B . 11.40 13.51 13.91
C4 GLC B . 11.42 13.19 12.43
C5 GLC B . 11.67 14.48 11.64
C6 GLC B . 11.67 14.22 10.14
O2 GLC B . 10.44 14.99 15.57
O3 GLC B . 11.03 12.35 14.67
O4 GLC B . 12.48 12.25 12.16
O5 GLC B . 10.65 15.44 11.93
O6 GLC B . 11.77 15.44 9.42
C1 GLC B . 12.20 17.62 12.96
C2 GLC B . 13.62 18.08 13.32
C3 GLC B . 13.71 18.44 14.79
C4 GLC B . 12.66 19.50 15.09
C5 GLC B . 11.30 18.95 14.70
C6 GLC B . 10.19 19.95 14.94
O1 GLC B . 11.93 16.40 13.66
O2 GLC B . 14.56 17.04 12.99
O3 GLC B . 15.04 18.93 15.08
O4 GLC B . 12.68 19.82 16.50
O5 GLC B . 11.26 18.62 13.30
O6 GLC B . 8.93 19.36 14.62
C1 GLC C . -7.14 16.62 11.51
C2 GLC C . -8.07 15.42 11.39
C3 GLC C . -7.87 14.44 12.54
C4 GLC C . -6.43 13.99 12.54
C5 GLC C . -5.55 15.25 12.65
C6 GLC C . -4.09 14.86 12.63
O2 GLC C . -9.42 15.92 11.27
O3 GLC C . -8.73 13.31 12.43
O4 GLC C . -6.15 13.03 13.56
O5 GLC C . -5.79 16.19 11.59
O6 GLC C . -3.28 16.05 12.81
C1 GLC C . -7.00 18.67 12.80
C2 GLC C . -7.50 19.29 14.10
C3 GLC C . -9.04 19.29 14.04
C4 GLC C . -9.47 20.08 12.82
C5 GLC C . -8.84 19.51 11.54
C6 GLC C . -9.15 20.35 10.31
O1 GLC C . -7.50 17.35 12.71
O2 GLC C . -7.08 18.54 15.25
O3 GLC C . -9.61 19.94 15.20
O4 GLC C . -10.89 19.97 12.74
O5 GLC C . -7.41 19.47 11.71
O6 GLC C . -8.53 21.62 10.39
O1 MES D . 11.45 17.54 -0.05
C2 MES D . 10.96 16.24 0.22
C3 MES D . 11.53 15.24 -0.78
N4 MES D . 11.14 15.70 -2.14
C5 MES D . 11.72 17.03 -2.41
C6 MES D . 11.15 18.00 -1.38
C7 MES D . 11.62 14.70 -3.12
C8 MES D . 10.56 13.60 -3.27
S MES D . 10.18 13.28 -4.98
O1S MES D . 11.04 12.16 -5.39
O2S MES D . 10.40 14.55 -5.72
O3S MES D . 8.76 12.91 -5.02
UNK UNX E . 6.03 17.62 12.27
UNK UNX F . 4.75 17.72 10.92
UNK UNX G . 5.52 17.88 8.33
UNK UNX H . 4.12 11.85 8.81
UNK UNX I . 3.45 15.70 9.71
UNK UNX J . -0.68 -6.59 18.33
UNK UNX K . -0.89 -5.20 20.11
UNK UNX L . 1.32 -8.78 18.96
UNK UNX M . -2.81 -7.61 20.44
UNK UNX N . -0.91 -9.39 23.04
UNK UNX O . -1.57 -10.76 20.66
UNK UNX P . 3.46 18.46 10.96
UNK UNX Q . -0.15 -8.13 20.45
UNK UNX R . 4.19 11.53 12.61
UNK UNX S . 7.44 8.79 -23.66
UNK UNX T . 9.07 6.92 -23.97
UNK UNX U . 9.43 9.92 -23.59
UNK UNX V . 12.41 -17.21 1.99
UNK UNX W . 13.80 -16.76 1.41
UNK UNX X . 13.68 -15.84 -0.22
UNK UNX Y . -1.45 -7.61 17.54
UNK UNX Z . -4.13 -6.37 23.56
UNK UNX AA . -1.61 -6.67 22.59
UNK UNX BA . 19.12 -5.69 16.90
UNK UNX CA . 16.55 -5.03 17.35
UNK UNX DA . 1.22 10.64 12.69
UNK UNX EA . 0.19 7.05 13.10
UNK UNX FA . 0.61 9.04 11.34
UNK UNX GA . 3.45 13.57 11.20
UNK UNX HA . -18.30 3.11 -10.14
UNK UNX IA . 6.73 11.86 -20.18
UNK UNX JA . 4.48 12.35 -20.44
UNK UNX KA . 0.62 19.59 -12.65
UNK UNX LA . 4.75 20.77 -13.10
UNK UNX MA . 4.84 21.35 -10.28
UNK UNX NA . 2.13 21.51 -14.28
UNK UNX OA . -2.08 -0.07 18.62
UNK UNX PA . 5.55 8.55 -22.72
UNK UNX QA . 7.75 8.25 -21.49
UNK UNX RA . 1.96 13.93 8.92
UNK UNX SA . 4.32 9.23 12.48
MG MG TA . 20.70 10.70 11.03
#